data_4ZIA
#
_entry.id   4ZIA
#
_cell.length_a   109.012
_cell.length_b   109.012
_cell.length_c   154.300
_cell.angle_alpha   90.000
_cell.angle_beta   90.000
_cell.angle_gamma   90.000
#
_symmetry.space_group_name_H-M   'P 41 2 2'
#
loop_
_entity.id
_entity.type
_entity.pdbx_description
1 polymer 'Signal transducer and activator of transcription 3'
2 non-polymer 'NICKEL (II) ION'
3 non-polymer 'FORMIC ACID'
4 non-polymer 'MAGNESIUM ION'
5 water water
#
_entity_poly.entity_id   1
_entity_poly.type   'polypeptide(L)'
_entity_poly.pdbx_seq_one_letter_code
;GPGSQWNQLQQLDTRYLEQLHQLYSDSFPMELRQFLAPWIESQDWAYAASKESHATLVFHNLLGEIDQQYSRFLQESNVL
YQHNLRRIKQFLQSRYLEKPMEIARIVARCLWEESRLLQTAATAAQQGG
;
_entity_poly.pdbx_strand_id   A,B,C,D,E
#
# COMPACT_ATOMS: atom_id res chain seq x y z
N GLY A 3 36.77 -17.30 -0.47
CA GLY A 3 35.27 -17.12 -0.50
C GLY A 3 34.74 -17.16 -1.94
N SER A 4 35.48 -17.81 -2.82
CA SER A 4 35.09 -17.88 -4.21
C SER A 4 33.98 -18.91 -4.42
N GLN A 5 33.85 -19.88 -3.51
CA GLN A 5 32.82 -20.90 -3.64
C GLN A 5 31.42 -20.24 -3.65
N TRP A 6 31.24 -19.20 -2.86
CA TRP A 6 29.93 -18.56 -2.85
C TRP A 6 29.74 -17.82 -4.18
N ASN A 7 30.85 -17.35 -4.76
CA ASN A 7 30.81 -16.65 -6.04
C ASN A 7 30.33 -17.60 -7.13
N GLN A 8 30.90 -18.80 -7.13
CA GLN A 8 30.52 -19.80 -8.10
C GLN A 8 29.04 -20.13 -7.96
N LEU A 9 28.61 -20.33 -6.73
CA LEU A 9 27.22 -20.67 -6.46
C LEU A 9 26.26 -19.57 -6.95
N GLN A 10 26.70 -18.33 -6.96
CA GLN A 10 25.82 -17.27 -7.41
C GLN A 10 25.65 -17.27 -8.93
N GLN A 11 26.55 -17.97 -9.61
CA GLN A 11 26.50 -18.09 -11.06
C GLN A 11 25.89 -19.42 -11.46
N LEU A 12 25.30 -20.12 -10.51
CA LEU A 12 24.68 -21.40 -10.78
C LEU A 12 23.62 -21.27 -11.84
N ASP A 13 23.47 -22.34 -12.60
CA ASP A 13 22.49 -22.37 -13.65
C ASP A 13 21.10 -22.28 -13.01
N THR A 14 20.22 -21.50 -13.64
CA THR A 14 18.87 -21.28 -13.14
C THR A 14 18.14 -22.55 -12.68
N ARG A 15 18.49 -23.71 -13.23
CA ARG A 15 17.82 -24.93 -12.82
C ARG A 15 18.50 -25.64 -11.65
N TYR A 16 19.23 -24.90 -10.81
CA TYR A 16 19.90 -25.51 -9.67
C TYR A 16 19.69 -24.68 -8.40
N LEU A 17 19.18 -23.47 -8.59
CA LEU A 17 18.93 -22.53 -7.50
C LEU A 17 17.97 -23.06 -6.43
N GLU A 18 16.87 -23.66 -6.85
CA GLU A 18 15.93 -24.17 -5.88
C GLU A 18 16.64 -25.17 -4.95
N GLN A 19 17.55 -25.97 -5.52
CA GLN A 19 18.31 -26.93 -4.72
C GLN A 19 19.26 -26.16 -3.78
N LEU A 20 19.78 -25.03 -4.27
CA LEU A 20 20.69 -24.21 -3.50
C LEU A 20 19.97 -23.52 -2.36
N HIS A 21 18.78 -22.99 -2.63
CA HIS A 21 17.97 -22.32 -1.61
C HIS A 21 17.58 -23.27 -0.48
N GLN A 22 17.56 -24.57 -0.78
CA GLN A 22 17.18 -25.55 0.23
C GLN A 22 18.30 -26.06 1.13
N LEU A 23 19.53 -25.77 0.74
CA LEU A 23 20.69 -26.16 1.52
C LEU A 23 20.77 -25.32 2.79
N TYR A 24 20.16 -24.13 2.79
CA TYR A 24 20.23 -23.28 3.97
C TYR A 24 19.07 -23.45 4.91
N SER A 25 19.20 -22.85 6.08
CA SER A 25 18.18 -23.02 7.10
C SER A 25 18.29 -22.00 8.21
N ASP A 26 17.41 -22.06 9.19
CA ASP A 26 17.50 -21.12 10.29
C ASP A 26 18.82 -21.29 11.03
N SER A 27 19.39 -22.49 11.07
CA SER A 27 20.65 -22.64 11.81
C SER A 27 21.78 -22.02 10.99
N PHE A 28 21.70 -22.17 9.67
CA PHE A 28 22.71 -21.61 8.79
C PHE A 28 22.02 -20.84 7.65
N PRO A 29 21.54 -19.62 7.95
CA PRO A 29 20.85 -18.73 7.02
C PRO A 29 21.70 -18.38 5.82
N MET A 30 21.08 -18.05 4.69
CA MET A 30 21.86 -17.72 3.52
C MET A 30 22.53 -16.37 3.70
N GLU A 31 22.00 -15.54 4.60
CA GLU A 31 22.59 -14.23 4.86
C GLU A 31 23.98 -14.45 5.45
N LEU A 32 24.06 -15.41 6.37
CA LEU A 32 25.31 -15.74 7.02
C LEU A 32 26.28 -16.29 5.99
N ARG A 33 25.80 -17.20 5.15
CA ARG A 33 26.63 -17.80 4.11
C ARG A 33 27.28 -16.76 3.20
N GLN A 34 26.61 -15.62 3.00
CA GLN A 34 27.17 -14.58 2.14
C GLN A 34 28.00 -13.56 2.88
N PHE A 35 27.42 -12.95 3.91
CA PHE A 35 28.10 -11.93 4.71
C PHE A 35 29.47 -12.32 5.26
N LEU A 36 29.63 -13.58 5.65
CA LEU A 36 30.88 -14.07 6.21
C LEU A 36 31.43 -15.17 5.35
N ALA A 37 31.11 -15.16 4.06
CA ALA A 37 31.60 -16.21 3.19
C ALA A 37 33.13 -16.39 3.26
N PRO A 38 33.90 -15.28 3.35
CA PRO A 38 35.37 -15.35 3.43
C PRO A 38 35.78 -16.13 4.67
N TRP A 39 35.28 -15.68 5.83
CA TRP A 39 35.57 -16.32 7.11
C TRP A 39 35.13 -17.79 7.10
N ILE A 40 33.94 -18.05 6.55
CA ILE A 40 33.41 -19.40 6.49
C ILE A 40 34.28 -20.31 5.67
N GLU A 41 34.73 -19.86 4.51
CA GLU A 41 35.56 -20.73 3.68
C GLU A 41 37.02 -20.86 4.08
N SER A 42 37.45 -20.11 5.10
CA SER A 42 38.83 -20.15 5.60
C SER A 42 39.12 -21.40 6.45
N GLN A 43 38.11 -21.87 7.19
CA GLN A 43 38.26 -23.05 8.05
C GLN A 43 37.78 -24.36 7.46
N ASP A 44 38.31 -25.44 8.04
CA ASP A 44 37.98 -26.83 7.68
C ASP A 44 36.84 -27.18 8.63
N TRP A 45 35.60 -27.13 8.13
CA TRP A 45 34.46 -27.43 8.97
C TRP A 45 34.30 -28.89 9.35
N ALA A 46 34.73 -29.79 8.49
CA ALA A 46 34.62 -31.20 8.86
C ALA A 46 35.56 -31.44 10.04
N TYR A 47 36.67 -30.71 10.05
CA TYR A 47 37.66 -30.80 11.10
C TYR A 47 37.17 -30.17 12.40
N ALA A 48 36.48 -29.04 12.26
CA ALA A 48 35.93 -28.31 13.41
C ALA A 48 34.81 -29.10 14.07
N ALA A 49 34.21 -29.99 13.30
CA ALA A 49 33.11 -30.79 13.80
C ALA A 49 33.58 -32.10 14.37
N SER A 50 34.85 -32.43 14.14
CA SER A 50 35.39 -33.71 14.61
C SER A 50 35.54 -33.80 16.13
N LYS A 51 35.93 -32.70 16.78
CA LYS A 51 36.09 -32.73 18.24
C LYS A 51 35.38 -31.54 18.82
N GLU A 52 34.85 -31.72 20.02
CA GLU A 52 34.14 -30.66 20.73
C GLU A 52 34.99 -29.39 20.89
N SER A 53 36.27 -29.60 21.15
CA SER A 53 37.21 -28.50 21.36
C SER A 53 37.25 -27.56 20.15
N HIS A 54 37.44 -28.14 18.97
CA HIS A 54 37.48 -27.36 17.74
C HIS A 54 36.14 -26.65 17.47
N ALA A 55 35.02 -27.36 17.67
CA ALA A 55 33.71 -26.75 17.42
C ALA A 55 33.45 -25.60 18.39
N THR A 56 33.83 -25.79 19.64
CA THR A 56 33.62 -24.76 20.62
C THR A 56 34.33 -23.48 20.24
N LEU A 57 35.57 -23.58 19.79
CA LEU A 57 36.30 -22.39 19.40
C LEU A 57 35.68 -21.78 18.15
N VAL A 58 35.48 -22.59 17.11
CA VAL A 58 34.88 -22.08 15.87
C VAL A 58 33.57 -21.35 16.15
N PHE A 59 32.68 -21.98 16.92
CA PHE A 59 31.40 -21.37 17.23
C PHE A 59 31.58 -20.04 17.97
N HIS A 60 32.56 -19.97 18.85
CA HIS A 60 32.84 -18.74 19.58
C HIS A 60 33.20 -17.61 18.62
N ASN A 61 33.99 -17.94 17.59
CA ASN A 61 34.42 -16.94 16.64
C ASN A 61 33.34 -16.60 15.64
N LEU A 62 32.46 -17.56 15.33
CA LEU A 62 31.35 -17.30 14.43
C LEU A 62 30.56 -16.17 15.09
N LEU A 63 30.24 -16.35 16.37
CA LEU A 63 29.51 -15.32 17.07
C LEU A 63 30.26 -13.99 17.04
N GLY A 64 31.59 -14.05 17.05
CA GLY A 64 32.37 -12.82 17.00
C GLY A 64 32.27 -12.15 15.64
N GLU A 65 32.31 -12.96 14.59
CA GLU A 65 32.20 -12.46 13.23
C GLU A 65 30.81 -11.86 13.00
N ILE A 66 29.80 -12.45 13.61
CA ILE A 66 28.43 -11.96 13.48
C ILE A 66 28.32 -10.61 14.18
N ASP A 67 29.01 -10.46 15.31
CA ASP A 67 28.99 -9.21 16.05
C ASP A 67 29.77 -8.13 15.30
N GLN A 68 30.86 -8.54 14.66
CA GLN A 68 31.68 -7.63 13.89
C GLN A 68 30.90 -7.12 12.68
N GLN A 69 30.04 -7.97 12.12
CA GLN A 69 29.22 -7.59 10.98
C GLN A 69 28.07 -6.72 11.46
N TYR A 70 27.59 -6.97 12.67
CA TYR A 70 26.50 -6.18 13.20
C TYR A 70 26.95 -4.73 13.27
N SER A 71 28.22 -4.51 13.58
CA SER A 71 28.73 -3.15 13.63
C SER A 71 28.84 -2.60 12.22
N ARG A 72 29.10 -3.48 11.25
CA ARG A 72 29.22 -3.07 9.86
C ARG A 72 27.89 -2.55 9.33
N PHE A 73 26.85 -3.37 9.42
CA PHE A 73 25.54 -2.96 8.91
C PHE A 73 24.94 -1.82 9.74
N LEU A 74 25.56 -1.52 10.87
CA LEU A 74 25.07 -0.45 11.73
C LEU A 74 25.57 0.87 11.15
N GLN A 75 26.70 0.81 10.47
CA GLN A 75 27.25 1.93 9.77
C GLN A 75 26.43 2.23 8.55
N GLU A 76 26.13 1.18 7.80
CA GLU A 76 25.46 1.30 6.54
C GLU A 76 24.03 1.65 6.77
N SER A 77 23.64 1.65 8.02
CA SER A 77 22.26 1.92 8.32
C SER A 77 21.45 0.89 7.59
N ASN A 78 21.95 -0.33 7.54
CA ASN A 78 21.25 -1.46 6.94
C ASN A 78 20.35 -2.09 7.99
N VAL A 79 19.36 -1.33 8.44
CA VAL A 79 18.42 -1.78 9.46
C VAL A 79 17.98 -3.21 9.23
N LEU A 80 17.72 -3.54 7.97
CA LEU A 80 17.28 -4.89 7.61
C LEU A 80 18.28 -5.94 8.09
N TYR A 81 19.52 -5.82 7.65
CA TYR A 81 20.56 -6.77 8.01
C TYR A 81 20.98 -6.69 9.47
N GLN A 82 20.60 -5.62 10.15
CA GLN A 82 20.93 -5.50 11.56
C GLN A 82 19.90 -6.34 12.26
N HIS A 83 18.68 -6.31 11.74
CA HIS A 83 17.55 -7.06 12.30
C HIS A 83 17.73 -8.56 12.07
N ASN A 84 18.35 -8.91 10.93
CA ASN A 84 18.61 -10.31 10.59
C ASN A 84 19.70 -10.93 11.47
N LEU A 85 20.86 -10.30 11.50
CA LEU A 85 21.98 -10.78 12.30
C LEU A 85 21.58 -10.83 13.77
N ARG A 86 20.75 -9.88 14.17
CA ARG A 86 20.28 -9.82 15.55
C ARG A 86 19.49 -11.11 15.87
N ARG A 87 18.62 -11.49 14.93
CA ARG A 87 17.79 -12.69 15.07
C ARG A 87 18.66 -13.96 15.00
N ILE A 88 19.52 -14.00 13.98
CA ILE A 88 20.44 -15.10 13.74
C ILE A 88 21.32 -15.40 14.95
N LYS A 89 21.90 -14.35 15.53
CA LYS A 89 22.75 -14.53 16.67
C LYS A 89 21.96 -15.10 17.84
N GLN A 90 20.77 -14.57 18.08
CA GLN A 90 19.95 -15.05 19.18
C GLN A 90 19.53 -16.50 18.98
N PHE A 91 19.25 -16.87 17.73
CA PHE A 91 18.86 -18.22 17.43
C PHE A 91 20.06 -19.17 17.65
N LEU A 92 21.23 -18.80 17.14
CA LEU A 92 22.42 -19.63 17.30
C LEU A 92 22.79 -19.83 18.77
N GLN A 93 22.70 -18.79 19.58
CA GLN A 93 23.05 -18.94 20.97
C GLN A 93 22.15 -19.93 21.68
N SER A 94 20.85 -19.66 21.69
CA SER A 94 19.93 -20.56 22.38
C SER A 94 19.98 -22.02 21.92
N ARG A 95 20.48 -22.30 20.72
CA ARG A 95 20.48 -23.68 20.29
C ARG A 95 21.82 -24.41 20.24
N TYR A 96 22.89 -23.67 20.00
CA TYR A 96 24.18 -24.31 19.82
C TYR A 96 25.29 -23.98 20.80
N LEU A 97 24.99 -23.19 21.81
CA LEU A 97 25.99 -22.81 22.78
C LEU A 97 26.37 -23.95 23.73
N GLU A 98 25.62 -25.05 23.66
CA GLU A 98 25.87 -26.22 24.51
C GLU A 98 26.09 -27.41 23.59
N LYS A 99 25.96 -27.15 22.31
CA LYS A 99 26.14 -28.18 21.29
C LYS A 99 26.84 -27.56 20.08
N PRO A 100 28.08 -27.10 20.25
CA PRO A 100 28.80 -26.49 19.13
C PRO A 100 29.12 -27.47 17.99
N MET A 101 29.16 -28.74 18.29
CA MET A 101 29.48 -29.71 17.27
C MET A 101 28.34 -29.84 16.27
N GLU A 102 27.14 -29.67 16.79
CA GLU A 102 25.93 -29.77 16.00
C GLU A 102 25.91 -28.68 14.94
N ILE A 103 26.14 -27.44 15.36
CA ILE A 103 26.14 -26.36 14.38
C ILE A 103 27.29 -26.55 13.41
N ALA A 104 28.40 -27.09 13.89
CA ALA A 104 29.55 -27.30 13.02
C ALA A 104 29.20 -28.33 11.94
N ARG A 105 28.47 -29.37 12.32
CA ARG A 105 28.10 -30.42 11.39
C ARG A 105 27.27 -29.84 10.26
N ILE A 106 26.25 -29.08 10.64
CA ILE A 106 25.34 -28.42 9.70
C ILE A 106 26.11 -27.62 8.64
N VAL A 107 26.99 -26.72 9.09
CA VAL A 107 27.78 -25.94 8.16
C VAL A 107 28.60 -26.89 7.29
N ALA A 108 29.28 -27.84 7.92
CA ALA A 108 30.10 -28.79 7.17
C ALA A 108 29.28 -29.46 6.08
N ARG A 109 28.07 -29.88 6.44
CA ARG A 109 27.18 -30.55 5.51
C ARG A 109 26.77 -29.62 4.37
N CYS A 110 26.45 -28.39 4.70
CA CYS A 110 26.04 -27.44 3.68
C CYS A 110 27.17 -27.19 2.68
N LEU A 111 28.40 -26.97 3.16
CA LEU A 111 29.49 -26.73 2.24
C LEU A 111 29.75 -27.93 1.35
N TRP A 112 29.54 -29.12 1.88
CA TRP A 112 29.74 -30.33 1.10
C TRP A 112 28.66 -30.38 0.03
N GLU A 113 27.44 -30.03 0.41
CA GLU A 113 26.33 -30.02 -0.53
C GLU A 113 26.49 -29.00 -1.63
N GLU A 114 27.09 -27.85 -1.30
CA GLU A 114 27.28 -26.80 -2.30
C GLU A 114 28.26 -27.30 -3.36
N SER A 115 29.26 -28.03 -2.90
CA SER A 115 30.27 -28.58 -3.80
C SER A 115 29.64 -29.67 -4.65
N ARG A 116 28.92 -30.57 -4.00
CA ARG A 116 28.25 -31.66 -4.69
C ARG A 116 27.32 -31.12 -5.77
N LEU A 117 26.64 -30.00 -5.47
CA LEU A 117 25.72 -29.37 -6.41
C LEU A 117 26.49 -28.77 -7.58
N LEU A 118 27.59 -28.11 -7.26
CA LEU A 118 28.45 -27.50 -8.27
C LEU A 118 29.08 -28.55 -9.18
N GLN A 119 29.33 -29.74 -8.63
CA GLN A 119 29.92 -30.80 -9.42
C GLN A 119 28.89 -31.33 -10.42
N THR A 120 27.61 -31.12 -10.13
CA THR A 120 26.57 -31.57 -11.03
C THR A 120 26.44 -30.59 -12.19
N ALA A 121 26.42 -29.30 -11.87
CA ALA A 121 26.32 -28.28 -12.89
C ALA A 121 27.59 -28.24 -13.72
N ALA A 122 28.73 -28.45 -13.07
CA ALA A 122 30.01 -28.43 -13.75
C ALA A 122 30.12 -29.52 -14.82
N THR A 123 29.78 -30.74 -14.43
CA THR A 123 29.82 -31.87 -15.35
C THR A 123 28.58 -31.86 -16.24
N ALA A 124 27.76 -30.83 -16.11
CA ALA A 124 26.56 -30.71 -16.92
C ALA A 124 26.81 -29.83 -18.13
N ALA A 125 28.00 -29.94 -18.71
CA ALA A 125 28.37 -29.15 -19.89
C ALA A 125 28.77 -30.06 -21.03
N GLN A 126 27.97 -31.09 -21.26
CA GLN A 126 28.23 -32.07 -22.32
C GLN A 126 27.04 -32.24 -23.25
N GLY B 3 12.74 9.43 -2.61
CA GLY B 3 12.95 8.61 -1.38
C GLY B 3 11.65 8.01 -0.86
N SER B 4 11.76 7.18 0.18
CA SER B 4 10.57 6.54 0.77
C SER B 4 10.53 6.70 2.27
N GLN B 5 9.38 6.43 2.85
CA GLN B 5 9.19 6.54 4.29
C GLN B 5 10.06 5.52 5.01
N TRP B 6 10.48 4.47 4.31
CA TRP B 6 11.34 3.44 4.88
C TRP B 6 12.73 4.01 5.11
N ASN B 7 13.23 4.78 4.16
CA ASN B 7 14.55 5.38 4.29
C ASN B 7 14.59 6.35 5.47
N GLN B 8 13.58 7.22 5.55
CA GLN B 8 13.52 8.19 6.62
C GLN B 8 13.58 7.49 7.98
N LEU B 9 13.10 6.25 8.04
CA LEU B 9 13.12 5.51 9.29
C LEU B 9 14.48 4.88 9.54
N GLN B 10 15.19 4.56 8.45
CA GLN B 10 16.51 3.94 8.55
C GLN B 10 17.55 4.89 9.13
N GLN B 11 17.39 6.17 8.81
CA GLN B 11 18.30 7.20 9.28
C GLN B 11 17.83 7.69 10.65
N LEU B 12 17.53 6.77 11.55
CA LEU B 12 17.06 7.15 12.88
C LEU B 12 18.08 6.78 13.95
N ASP B 13 18.03 7.52 15.06
CA ASP B 13 18.93 7.29 16.19
C ASP B 13 18.84 5.88 16.70
N THR B 14 19.98 5.34 17.14
CA THR B 14 20.04 3.97 17.66
C THR B 14 18.95 3.71 18.71
N ARG B 15 18.44 4.78 19.32
CA ARG B 15 17.40 4.66 20.33
C ARG B 15 16.04 4.38 19.69
N TYR B 16 15.84 4.96 18.51
CA TYR B 16 14.58 4.80 17.79
C TYR B 16 14.55 3.47 17.03
N LEU B 17 15.72 2.95 16.66
CA LEU B 17 15.79 1.69 15.93
C LEU B 17 15.23 0.52 16.74
N GLU B 18 15.54 0.48 18.03
CA GLU B 18 15.05 -0.58 18.90
C GLU B 18 13.55 -0.76 18.72
N GLN B 19 12.84 0.37 18.66
CA GLN B 19 11.40 0.33 18.48
C GLN B 19 11.06 -0.12 17.05
N LEU B 20 11.86 0.32 16.09
CA LEU B 20 11.66 -0.06 14.69
C LEU B 20 11.75 -1.57 14.52
N HIS B 21 12.66 -2.19 15.28
CA HIS B 21 12.86 -3.64 15.24
C HIS B 21 11.78 -4.41 15.97
N GLN B 22 11.33 -3.87 17.10
CA GLN B 22 10.30 -4.54 17.88
C GLN B 22 8.99 -4.53 17.10
N LEU B 23 8.91 -3.61 16.14
CA LEU B 23 7.72 -3.46 15.31
C LEU B 23 7.60 -4.51 14.21
N TYR B 24 8.72 -5.14 13.88
CA TYR B 24 8.77 -6.17 12.83
C TYR B 24 9.29 -7.50 13.34
N SER B 25 9.15 -7.73 14.64
CA SER B 25 9.51 -9.00 15.22
C SER B 25 8.59 -10.13 14.81
N ASP B 26 7.30 -9.85 14.70
CA ASP B 26 6.40 -10.93 14.35
C ASP B 26 5.52 -10.74 13.13
N SER B 27 4.89 -9.58 13.05
CA SER B 27 3.81 -9.34 12.13
C SER B 27 4.07 -9.57 10.65
N PHE B 28 5.12 -9.01 10.12
CA PHE B 28 5.49 -9.35 8.77
C PHE B 28 6.93 -9.04 8.59
N PRO B 29 7.61 -9.92 7.89
CA PRO B 29 9.04 -9.79 7.61
C PRO B 29 9.52 -8.43 7.11
N MET B 30 10.55 -7.91 7.77
CA MET B 30 11.13 -6.63 7.42
C MET B 30 11.71 -6.73 6.02
N GLU B 31 11.89 -7.94 5.51
CA GLU B 31 12.43 -8.08 4.16
C GLU B 31 11.39 -7.49 3.22
N LEU B 32 10.13 -7.87 3.43
CA LEU B 32 9.03 -7.39 2.62
C LEU B 32 8.91 -5.87 2.73
N ARG B 33 8.87 -5.40 3.96
CA ARG B 33 8.77 -3.97 4.24
C ARG B 33 9.86 -3.16 3.55
N GLN B 34 11.00 -3.79 3.27
CA GLN B 34 12.10 -3.08 2.64
C GLN B 34 12.22 -3.29 1.13
N PHE B 35 12.09 -4.52 0.66
CA PHE B 35 12.21 -4.76 -0.77
C PHE B 35 11.04 -4.15 -1.54
N LEU B 36 9.91 -3.99 -0.86
CA LEU B 36 8.75 -3.42 -1.53
C LEU B 36 8.26 -2.16 -0.83
N ALA B 37 9.19 -1.41 -0.22
CA ALA B 37 8.81 -0.19 0.48
C ALA B 37 8.07 0.79 -0.40
N PRO B 38 8.61 1.10 -1.59
CA PRO B 38 7.91 2.05 -2.46
C PRO B 38 6.45 1.61 -2.68
N TRP B 39 6.28 0.42 -3.27
CA TRP B 39 4.96 -0.13 -3.53
C TRP B 39 4.10 -0.25 -2.27
N ILE B 40 4.71 -0.68 -1.18
CA ILE B 40 3.95 -0.84 0.06
C ILE B 40 3.35 0.48 0.49
N GLU B 41 4.12 1.55 0.34
CA GLU B 41 3.70 2.89 0.74
C GLU B 41 2.66 3.48 -0.22
N SER B 42 2.68 3.03 -1.46
CA SER B 42 1.73 3.50 -2.47
C SER B 42 0.49 2.57 -2.50
N GLN B 43 -0.14 2.38 -1.35
CA GLN B 43 -1.31 1.50 -1.24
C GLN B 43 -2.20 1.89 -0.07
N ASP B 44 -3.51 1.88 -0.30
CA ASP B 44 -4.45 2.20 0.75
C ASP B 44 -4.80 0.92 1.51
N TRP B 45 -4.01 0.61 2.54
CA TRP B 45 -4.21 -0.62 3.32
C TRP B 45 -5.40 -0.55 4.25
N ALA B 46 -5.77 0.67 4.64
CA ALA B 46 -6.90 0.87 5.54
C ALA B 46 -8.17 0.46 4.80
N TYR B 47 -8.23 0.79 3.52
CA TYR B 47 -9.39 0.44 2.71
C TYR B 47 -9.32 -1.05 2.40
N ALA B 48 -8.14 -1.50 1.98
CA ALA B 48 -7.93 -2.92 1.65
C ALA B 48 -8.23 -3.82 2.83
N ALA B 49 -8.27 -3.24 4.03
CA ALA B 49 -8.51 -4.01 5.24
C ALA B 49 -9.99 -4.19 5.57
N SER B 50 -10.84 -3.37 4.94
CA SER B 50 -12.26 -3.43 5.20
C SER B 50 -13.04 -4.32 4.23
N LYS B 51 -12.57 -4.42 2.98
CA LYS B 51 -13.23 -5.23 1.96
C LYS B 51 -12.38 -6.45 1.59
N GLU B 52 -12.91 -7.65 1.81
CA GLU B 52 -12.12 -8.85 1.52
C GLU B 52 -11.67 -8.98 0.07
N SER B 53 -12.58 -8.68 -0.85
CA SER B 53 -12.28 -8.75 -2.27
C SER B 53 -11.15 -7.80 -2.65
N HIS B 54 -11.19 -6.58 -2.09
CA HIS B 54 -10.15 -5.60 -2.36
C HIS B 54 -8.83 -6.10 -1.76
N ALA B 55 -8.90 -6.62 -0.53
CA ALA B 55 -7.72 -7.14 0.13
C ALA B 55 -7.09 -8.25 -0.73
N THR B 56 -7.94 -9.09 -1.34
CA THR B 56 -7.46 -10.18 -2.18
C THR B 56 -6.75 -9.62 -3.40
N LEU B 57 -7.28 -8.54 -3.95
CA LEU B 57 -6.71 -7.92 -5.14
C LEU B 57 -5.40 -7.17 -4.85
N VAL B 58 -5.35 -6.45 -3.71
CA VAL B 58 -4.14 -5.74 -3.32
C VAL B 58 -3.06 -6.82 -3.10
N PHE B 59 -3.48 -7.91 -2.46
CA PHE B 59 -2.61 -9.05 -2.18
C PHE B 59 -2.08 -9.61 -3.51
N HIS B 60 -2.96 -9.88 -4.47
CA HIS B 60 -2.55 -10.38 -5.76
C HIS B 60 -1.51 -9.45 -6.37
N ASN B 61 -1.69 -8.14 -6.18
CA ASN B 61 -0.74 -7.20 -6.72
C ASN B 61 0.61 -7.26 -6.03
N LEU B 62 0.61 -7.38 -4.69
CA LEU B 62 1.84 -7.48 -3.91
C LEU B 62 2.67 -8.62 -4.44
N LEU B 63 2.01 -9.74 -4.69
CA LEU B 63 2.69 -10.92 -5.21
C LEU B 63 3.27 -10.61 -6.57
N GLY B 64 2.50 -9.89 -7.38
CA GLY B 64 2.94 -9.54 -8.71
C GLY B 64 4.19 -8.69 -8.67
N GLU B 65 4.24 -7.74 -7.74
CA GLU B 65 5.41 -6.88 -7.62
C GLU B 65 6.61 -7.71 -7.23
N ILE B 66 6.39 -8.69 -6.36
CA ILE B 66 7.45 -9.58 -5.95
C ILE B 66 8.04 -10.32 -7.14
N ASP B 67 7.19 -10.95 -7.95
CA ASP B 67 7.66 -11.71 -9.13
C ASP B 67 8.41 -10.80 -10.11
N GLN B 68 8.09 -9.50 -10.08
CA GLN B 68 8.74 -8.53 -10.98
C GLN B 68 10.19 -8.35 -10.56
N GLN B 69 10.40 -8.06 -9.26
CA GLN B 69 11.76 -7.91 -8.73
C GLN B 69 12.46 -9.28 -8.88
N TYR B 70 11.84 -10.35 -8.41
CA TYR B 70 12.43 -11.67 -8.51
C TYR B 70 12.94 -11.92 -9.91
N SER B 71 12.24 -11.38 -10.90
CA SER B 71 12.61 -11.53 -12.30
C SER B 71 13.96 -10.88 -12.58
N ARG B 72 14.13 -9.64 -12.11
CA ARG B 72 15.37 -8.90 -12.29
C ARG B 72 16.53 -9.54 -11.54
N PHE B 73 16.32 -9.79 -10.25
CA PHE B 73 17.34 -10.39 -9.40
C PHE B 73 17.81 -11.74 -9.95
N LEU B 74 16.98 -12.36 -10.76
CA LEU B 74 17.31 -13.65 -11.34
C LEU B 74 18.38 -13.50 -12.42
N GLN B 75 18.28 -12.43 -13.22
CA GLN B 75 19.27 -12.23 -14.26
C GLN B 75 20.50 -11.50 -13.73
N GLU B 76 20.32 -10.73 -12.68
CA GLU B 76 21.44 -10.02 -12.07
C GLU B 76 22.26 -11.06 -11.26
N SER B 77 21.71 -12.26 -11.10
CA SER B 77 22.39 -13.34 -10.36
C SER B 77 22.54 -13.03 -8.86
N ASN B 78 21.59 -12.27 -8.32
CA ASN B 78 21.57 -11.89 -6.91
C ASN B 78 20.74 -12.92 -6.12
N VAL B 79 21.33 -14.10 -5.94
CA VAL B 79 20.72 -15.22 -5.26
C VAL B 79 20.21 -14.91 -3.86
N LEU B 80 20.93 -14.08 -3.11
CA LEU B 80 20.48 -13.73 -1.78
C LEU B 80 19.16 -12.96 -1.87
N TYR B 81 19.04 -12.02 -2.82
CA TYR B 81 17.78 -11.27 -2.94
C TYR B 81 16.64 -12.20 -3.32
N GLN B 82 16.91 -13.14 -4.24
CA GLN B 82 15.91 -14.12 -4.63
C GLN B 82 15.49 -14.88 -3.38
N HIS B 83 16.47 -15.24 -2.56
CA HIS B 83 16.23 -15.98 -1.32
C HIS B 83 15.31 -15.19 -0.40
N ASN B 84 15.45 -13.86 -0.34
CA ASN B 84 14.59 -13.07 0.53
C ASN B 84 13.16 -13.02 -0.01
N LEU B 85 13.04 -12.74 -1.30
CA LEU B 85 11.74 -12.70 -1.93
C LEU B 85 11.02 -14.02 -1.67
N ARG B 86 11.70 -15.12 -1.99
CA ARG B 86 11.22 -16.49 -1.80
C ARG B 86 10.71 -16.74 -0.38
N ARG B 87 11.33 -16.10 0.60
CA ARG B 87 10.90 -16.29 1.98
C ARG B 87 9.62 -15.51 2.21
N ILE B 88 9.49 -14.39 1.51
CA ILE B 88 8.30 -13.54 1.62
C ILE B 88 7.07 -14.25 1.05
N LYS B 89 7.24 -14.85 -0.13
CA LYS B 89 6.14 -15.54 -0.78
C LYS B 89 5.61 -16.67 0.08
N GLN B 90 6.51 -17.55 0.52
CA GLN B 90 6.14 -18.67 1.35
C GLN B 90 5.45 -18.17 2.61
N PHE B 91 5.94 -17.06 3.15
CA PHE B 91 5.34 -16.46 4.33
C PHE B 91 3.91 -15.96 4.05
N LEU B 92 3.73 -15.28 2.93
CA LEU B 92 2.44 -14.73 2.54
C LEU B 92 1.47 -15.81 2.09
N GLN B 93 2.00 -16.74 1.29
CA GLN B 93 1.24 -17.86 0.74
C GLN B 93 0.53 -18.69 1.80
N SER B 94 1.25 -19.04 2.86
CA SER B 94 0.69 -19.87 3.91
C SER B 94 -0.14 -19.13 4.92
N ARG B 95 0.25 -17.91 5.25
CA ARG B 95 -0.47 -17.17 6.27
C ARG B 95 -1.53 -16.15 5.82
N TYR B 96 -1.54 -15.75 4.56
CA TYR B 96 -2.53 -14.75 4.17
C TYR B 96 -3.32 -15.00 2.88
N LEU B 97 -3.08 -16.13 2.23
CA LEU B 97 -3.77 -16.45 1.00
C LEU B 97 -5.25 -16.71 1.29
N GLU B 98 -5.52 -17.33 2.42
CA GLU B 98 -6.88 -17.59 2.81
C GLU B 98 -7.49 -16.50 3.63
N LYS B 99 -6.73 -15.49 3.99
CA LYS B 99 -7.28 -14.36 4.70
C LYS B 99 -6.49 -13.08 4.51
N PRO B 100 -6.56 -12.51 3.34
CA PRO B 100 -5.77 -11.33 2.97
C PRO B 100 -6.07 -10.08 3.75
N MET B 101 -7.27 -10.00 4.25
CA MET B 101 -7.74 -8.89 5.06
C MET B 101 -6.93 -8.79 6.34
N GLU B 102 -6.40 -9.91 6.83
CA GLU B 102 -5.61 -9.94 8.05
C GLU B 102 -4.29 -9.21 7.87
N ILE B 103 -3.59 -9.54 6.79
CA ILE B 103 -2.31 -8.92 6.51
C ILE B 103 -2.58 -7.47 6.18
N ALA B 104 -3.76 -7.22 5.62
CA ALA B 104 -4.17 -5.86 5.26
C ALA B 104 -4.16 -5.01 6.54
N ARG B 105 -4.73 -5.55 7.61
CA ARG B 105 -4.76 -4.83 8.88
C ARG B 105 -3.38 -4.69 9.49
N ILE B 106 -2.64 -5.79 9.54
CA ILE B 106 -1.30 -5.80 10.10
C ILE B 106 -0.41 -4.72 9.50
N VAL B 107 -0.29 -4.74 8.18
CA VAL B 107 0.53 -3.76 7.46
C VAL B 107 -0.03 -2.34 7.67
N ALA B 108 -1.36 -2.23 7.75
CA ALA B 108 -1.96 -0.93 7.95
C ALA B 108 -1.45 -0.37 9.28
N ARG B 109 -1.58 -1.19 10.34
CA ARG B 109 -1.13 -0.84 11.69
C ARG B 109 0.35 -0.44 11.71
N CYS B 110 1.21 -1.32 11.19
CA CYS B 110 2.63 -1.04 11.17
C CYS B 110 2.97 0.34 10.61
N LEU B 111 2.37 0.72 9.49
CA LEU B 111 2.62 2.03 8.91
C LEU B 111 2.13 3.14 9.83
N TRP B 112 1.03 2.90 10.54
CA TRP B 112 0.50 3.88 11.46
C TRP B 112 1.51 4.09 12.56
N GLU B 113 2.14 3.00 12.98
CA GLU B 113 3.12 3.00 14.04
C GLU B 113 4.43 3.64 13.57
N GLU B 114 4.71 3.55 12.27
CA GLU B 114 5.93 4.13 11.73
C GLU B 114 5.83 5.66 11.70
N SER B 115 4.67 6.17 11.29
CA SER B 115 4.47 7.61 11.23
C SER B 115 4.65 8.20 12.62
N ARG B 116 4.32 7.42 13.63
CA ARG B 116 4.48 7.88 15.00
C ARG B 116 5.96 8.09 15.29
N LEU B 117 6.80 7.17 14.82
CA LEU B 117 8.25 7.28 15.04
C LEU B 117 8.82 8.48 14.31
N LEU B 118 8.28 8.76 13.14
CA LEU B 118 8.74 9.89 12.35
C LEU B 118 8.37 11.21 13.04
N GLN B 119 7.23 11.22 13.73
CA GLN B 119 6.80 12.44 14.42
C GLN B 119 7.54 12.66 15.73
N THR B 120 7.66 11.60 16.53
CA THR B 120 8.35 11.71 17.80
C THR B 120 9.81 12.10 17.54
N ALA B 121 10.37 11.60 16.44
CA ALA B 121 11.75 11.90 16.08
C ALA B 121 11.87 13.33 15.58
N ALA B 122 10.85 13.76 14.83
CA ALA B 122 10.82 15.12 14.29
C ALA B 122 10.67 16.14 15.40
N THR B 123 9.80 15.85 16.36
CA THR B 123 9.57 16.74 17.49
C THR B 123 10.78 16.76 18.42
N ALA B 124 11.63 15.75 18.31
CA ALA B 124 12.84 15.67 19.13
C ALA B 124 13.93 16.57 18.53
N ALA B 125 13.57 17.32 17.48
CA ALA B 125 14.51 18.21 16.81
C ALA B 125 14.57 19.59 17.48
N GLN B 126 14.22 19.62 18.77
CA GLN B 126 14.24 20.86 19.54
C GLN B 126 14.93 20.65 20.89
N SER C 4 6.08 11.70 -8.25
CA SER C 4 5.72 13.13 -8.06
C SER C 4 6.10 13.94 -9.31
N GLN C 5 6.87 13.34 -10.19
CA GLN C 5 7.29 14.02 -11.42
C GLN C 5 6.09 14.59 -12.17
N TRP C 6 4.89 14.09 -11.87
CA TRP C 6 3.69 14.57 -12.53
C TRP C 6 3.30 15.92 -11.91
N ASN C 7 3.64 16.11 -10.65
CA ASN C 7 3.34 17.36 -9.95
C ASN C 7 4.18 18.51 -10.47
N GLN C 8 4.96 18.24 -11.51
CA GLN C 8 5.84 19.23 -12.10
C GLN C 8 5.19 19.89 -13.33
N GLN C 19 4.28 24.19 -20.84
CA GLN C 19 3.41 23.13 -21.31
C GLN C 19 3.53 23.01 -22.81
N LEU C 20 4.74 23.23 -23.31
CA LEU C 20 5.02 23.16 -24.75
C LEU C 20 4.84 21.71 -25.24
N HIS C 21 4.40 20.84 -24.33
CA HIS C 21 4.24 19.42 -24.67
C HIS C 21 2.86 18.94 -25.10
N GLN C 22 2.81 18.38 -26.30
CA GLN C 22 1.61 17.79 -26.87
C GLN C 22 2.04 16.33 -26.90
N LEU C 23 2.90 16.02 -25.93
CA LEU C 23 3.49 14.71 -25.72
C LEU C 23 2.45 13.59 -25.52
N TYR C 24 1.28 13.97 -25.02
CA TYR C 24 0.21 13.02 -24.77
C TYR C 24 -0.99 13.24 -25.69
N SER C 25 -0.72 13.17 -26.99
CA SER C 25 -1.76 13.36 -28.02
C SER C 25 -1.86 12.12 -28.92
N ASP C 26 -0.78 11.40 -29.07
CA ASP C 26 -0.84 10.16 -29.78
C ASP C 26 0.01 9.10 -29.16
N SER C 27 0.55 9.34 -27.98
CA SER C 27 1.44 8.36 -27.42
C SER C 27 0.71 7.37 -26.57
N PHE C 28 0.21 7.85 -25.45
CA PHE C 28 -0.63 7.07 -24.62
C PHE C 28 -1.44 7.98 -23.78
N PRO C 29 -2.58 7.49 -23.39
CA PRO C 29 -3.55 8.19 -22.53
C PRO C 29 -2.99 8.90 -21.31
N MET C 30 -3.21 10.21 -21.27
CA MET C 30 -2.75 11.04 -20.17
C MET C 30 -3.52 10.69 -18.90
N GLU C 31 -4.69 10.04 -19.05
CA GLU C 31 -5.48 9.65 -17.87
C GLU C 31 -4.66 8.64 -17.11
N LEU C 32 -3.84 7.90 -17.85
CA LEU C 32 -2.99 6.87 -17.29
C LEU C 32 -1.84 7.50 -16.53
N ARG C 33 -1.16 8.44 -17.20
CA ARG C 33 -0.04 9.17 -16.62
C ARG C 33 -0.38 9.81 -15.28
N GLN C 34 -1.63 10.25 -15.12
CA GLN C 34 -2.04 10.88 -13.87
C GLN C 34 -2.64 9.92 -12.85
N PHE C 35 -3.62 9.12 -13.27
CA PHE C 35 -4.27 8.16 -12.37
C PHE C 35 -3.27 7.17 -11.77
N LEU C 36 -2.18 6.89 -12.49
CA LEU C 36 -1.17 5.96 -12.01
C LEU C 36 0.24 6.55 -12.06
N ALA C 37 0.33 7.87 -11.95
CA ALA C 37 1.62 8.58 -11.96
C ALA C 37 2.63 7.94 -11.00
N PRO C 38 2.22 7.68 -9.75
CA PRO C 38 3.11 7.07 -8.76
C PRO C 38 3.69 5.75 -9.28
N TRP C 39 2.80 4.79 -9.54
CA TRP C 39 3.19 3.47 -10.04
C TRP C 39 4.04 3.56 -11.30
N ILE C 40 3.64 4.39 -12.26
CA ILE C 40 4.42 4.52 -13.48
C ILE C 40 5.86 4.93 -13.23
N GLU C 41 6.04 5.90 -12.33
CA GLU C 41 7.37 6.38 -12.01
C GLU C 41 8.22 5.37 -11.23
N SER C 42 7.57 4.46 -10.51
CA SER C 42 8.26 3.43 -9.73
C SER C 42 8.97 2.38 -10.60
N GLN C 43 8.24 1.81 -11.56
CA GLN C 43 8.78 0.78 -12.45
C GLN C 43 9.96 1.28 -13.31
N ASP C 44 10.80 0.34 -13.73
CA ASP C 44 11.97 0.63 -14.58
C ASP C 44 11.61 0.22 -16.00
N TRP C 45 11.01 1.15 -16.73
CA TRP C 45 10.59 0.90 -18.11
C TRP C 45 11.73 0.64 -19.07
N ALA C 46 12.86 1.31 -18.86
CA ALA C 46 14.00 1.12 -19.75
C ALA C 46 14.37 -0.36 -19.76
N TYR C 47 14.32 -0.97 -18.58
CA TYR C 47 14.65 -2.38 -18.43
C TYR C 47 13.61 -3.30 -19.07
N ALA C 48 12.37 -3.15 -18.64
CA ALA C 48 11.28 -3.94 -19.15
C ALA C 48 11.17 -3.83 -20.66
N ALA C 49 11.69 -2.75 -21.23
CA ALA C 49 11.61 -2.54 -22.68
C ALA C 49 12.61 -3.40 -23.45
N SER C 50 13.40 -4.19 -22.72
CA SER C 50 14.39 -5.03 -23.36
C SER C 50 14.14 -6.53 -23.17
N LYS C 51 13.29 -6.87 -22.21
CA LYS C 51 12.96 -8.25 -21.90
C LYS C 51 11.44 -8.44 -22.10
N GLU C 52 11.06 -9.16 -23.16
CA GLU C 52 9.63 -9.35 -23.43
C GLU C 52 8.85 -9.97 -22.28
N SER C 53 9.36 -11.07 -21.73
CA SER C 53 8.70 -11.73 -20.62
C SER C 53 8.58 -10.76 -19.45
N HIS C 54 9.65 -10.03 -19.17
CA HIS C 54 9.61 -9.06 -18.07
C HIS C 54 8.55 -8.00 -18.32
N ALA C 55 8.58 -7.38 -19.51
CA ALA C 55 7.60 -6.36 -19.84
C ALA C 55 6.18 -6.90 -19.69
N THR C 56 5.97 -8.18 -20.02
CA THR C 56 4.63 -8.73 -19.89
C THR C 56 4.24 -8.70 -18.43
N LEU C 57 5.19 -9.05 -17.56
CA LEU C 57 4.95 -9.02 -16.12
C LEU C 57 4.62 -7.63 -15.63
N VAL C 58 5.38 -6.65 -16.10
CA VAL C 58 5.18 -5.26 -15.75
C VAL C 58 3.79 -4.86 -16.25
N PHE C 59 3.50 -5.27 -17.48
CA PHE C 59 2.23 -5.00 -18.14
C PHE C 59 1.10 -5.63 -17.32
N HIS C 60 1.34 -6.81 -16.75
CA HIS C 60 0.31 -7.45 -15.92
C HIS C 60 0.09 -6.71 -14.60
N ASN C 61 1.16 -6.16 -14.04
CA ASN C 61 1.03 -5.44 -12.79
C ASN C 61 0.33 -4.12 -13.05
N LEU C 62 0.62 -3.51 -14.20
CA LEU C 62 -0.05 -2.26 -14.55
C LEU C 62 -1.55 -2.53 -14.59
N LEU C 63 -1.96 -3.59 -15.29
CA LEU C 63 -3.37 -3.91 -15.36
C LEU C 63 -3.93 -4.15 -13.96
N GLY C 64 -3.17 -4.89 -13.15
CA GLY C 64 -3.60 -5.15 -11.79
C GLY C 64 -3.81 -3.90 -10.95
N GLU C 65 -2.91 -2.94 -11.04
CA GLU C 65 -3.05 -1.71 -10.26
C GLU C 65 -4.32 -0.97 -10.70
N ILE C 66 -4.64 -1.03 -12.00
CA ILE C 66 -5.83 -0.37 -12.53
C ILE C 66 -7.08 -1.00 -11.90
N ASP C 67 -7.17 -2.33 -11.91
CA ASP C 67 -8.31 -3.01 -11.29
C ASP C 67 -8.42 -2.60 -9.83
N GLN C 68 -7.29 -2.36 -9.18
CA GLN C 68 -7.33 -1.98 -7.77
C GLN C 68 -8.07 -0.67 -7.62
N GLN C 69 -7.58 0.36 -8.32
CA GLN C 69 -8.17 1.69 -8.32
C GLN C 69 -9.63 1.61 -8.78
N TYR C 70 -9.86 0.83 -9.84
CA TYR C 70 -11.19 0.67 -10.39
C TYR C 70 -12.15 0.15 -9.34
N SER C 71 -11.63 -0.72 -8.46
CA SER C 71 -12.41 -1.33 -7.39
C SER C 71 -12.89 -0.29 -6.37
N ARG C 72 -11.98 0.61 -6.01
CA ARG C 72 -12.28 1.67 -5.05
C ARG C 72 -13.30 2.64 -5.64
N PHE C 73 -12.95 3.21 -6.77
CA PHE C 73 -13.81 4.16 -7.47
C PHE C 73 -15.19 3.55 -7.70
N LEU C 74 -15.23 2.24 -7.87
CA LEU C 74 -16.49 1.54 -8.09
C LEU C 74 -17.26 1.49 -6.76
N GLN C 75 -16.60 1.81 -5.65
CA GLN C 75 -17.23 1.79 -4.34
C GLN C 75 -17.62 3.20 -3.90
N GLU C 76 -16.86 4.18 -4.40
CA GLU C 76 -17.09 5.61 -4.13
C GLU C 76 -18.10 6.18 -5.14
N SER C 77 -18.58 5.33 -6.03
CA SER C 77 -19.54 5.72 -7.04
C SER C 77 -19.04 6.83 -7.99
N ASN C 78 -17.73 6.86 -8.20
CA ASN C 78 -17.11 7.84 -9.08
C ASN C 78 -17.09 7.27 -10.50
N VAL C 79 -18.27 7.25 -11.11
CA VAL C 79 -18.48 6.76 -12.46
C VAL C 79 -17.53 7.34 -13.52
N LEU C 80 -17.18 8.63 -13.41
CA LEU C 80 -16.27 9.22 -14.39
C LEU C 80 -14.87 8.60 -14.27
N TYR C 81 -14.39 8.39 -13.05
CA TYR C 81 -13.04 7.81 -12.87
C TYR C 81 -13.03 6.36 -13.40
N GLN C 82 -14.16 5.66 -13.20
CA GLN C 82 -14.31 4.31 -13.69
C GLN C 82 -14.22 4.37 -15.23
N HIS C 83 -14.87 5.37 -15.81
CA HIS C 83 -14.91 5.58 -17.25
C HIS C 83 -13.51 5.84 -17.80
N ASN C 84 -12.68 6.54 -17.04
CA ASN C 84 -11.31 6.83 -17.52
C ASN C 84 -10.46 5.57 -17.50
N LEU C 85 -10.52 4.86 -16.38
CA LEU C 85 -9.76 3.62 -16.28
C LEU C 85 -10.19 2.67 -17.39
N ARG C 86 -11.50 2.54 -17.58
CA ARG C 86 -12.09 1.68 -18.62
C ARG C 86 -11.49 1.97 -20.00
N ARG C 87 -11.25 3.25 -20.27
CA ARG C 87 -10.67 3.66 -21.54
C ARG C 87 -9.20 3.27 -21.56
N ILE C 88 -8.55 3.37 -20.39
CA ILE C 88 -7.14 3.01 -20.29
C ILE C 88 -6.95 1.51 -20.56
N LYS C 89 -7.84 0.69 -20.01
CA LYS C 89 -7.74 -0.75 -20.21
C LYS C 89 -7.91 -1.13 -21.69
N GLN C 90 -8.96 -0.62 -22.31
CA GLN C 90 -9.24 -0.92 -23.71
C GLN C 90 -8.08 -0.53 -24.62
N PHE C 91 -7.44 0.59 -24.30
CA PHE C 91 -6.31 1.08 -25.07
C PHE C 91 -5.12 0.13 -24.94
N LEU C 92 -4.79 -0.30 -23.71
CA LEU C 92 -3.66 -1.21 -23.46
C LEU C 92 -3.85 -2.60 -24.05
N GLN C 93 -5.08 -3.13 -23.94
CA GLN C 93 -5.44 -4.45 -24.45
C GLN C 93 -5.01 -4.71 -25.88
N SER C 94 -5.55 -3.92 -26.80
CA SER C 94 -5.27 -4.09 -28.19
C SER C 94 -3.83 -3.96 -28.60
N ARG C 95 -3.28 -2.76 -28.46
CA ARG C 95 -1.91 -2.55 -28.91
C ARG C 95 -0.75 -2.99 -28.04
N TYR C 96 -0.98 -3.33 -26.78
CA TYR C 96 0.15 -3.69 -25.93
C TYR C 96 0.08 -5.05 -25.26
N LEU C 97 -0.82 -5.90 -25.71
CA LEU C 97 -0.91 -7.21 -25.13
C LEU C 97 0.02 -8.06 -25.96
N GLU C 98 0.07 -7.79 -27.26
CA GLU C 98 0.94 -8.53 -28.16
C GLU C 98 2.34 -7.92 -28.25
N LYS C 99 2.52 -6.70 -27.78
CA LYS C 99 3.83 -6.08 -27.83
C LYS C 99 4.10 -5.27 -26.57
N PRO C 100 4.22 -5.94 -25.42
CA PRO C 100 4.47 -5.23 -24.16
C PRO C 100 5.76 -4.42 -24.15
N MET C 101 6.74 -4.82 -24.95
CA MET C 101 8.01 -4.08 -25.00
C MET C 101 7.81 -2.69 -25.60
N GLU C 102 6.79 -2.57 -26.46
CA GLU C 102 6.45 -1.31 -27.11
C GLU C 102 6.03 -0.25 -26.10
N ILE C 103 4.96 -0.51 -25.37
CA ILE C 103 4.46 0.41 -24.37
C ILE C 103 5.61 0.78 -23.45
N ALA C 104 6.43 -0.20 -23.11
CA ALA C 104 7.57 0.03 -22.22
C ALA C 104 8.50 1.10 -22.77
N ARG C 105 8.88 0.99 -24.03
CA ARG C 105 9.79 1.99 -24.62
C ARG C 105 9.13 3.35 -24.62
N ILE C 106 7.88 3.39 -25.07
CA ILE C 106 7.11 4.62 -25.15
C ILE C 106 7.07 5.37 -23.81
N VAL C 107 6.62 4.71 -22.75
CA VAL C 107 6.55 5.35 -21.44
C VAL C 107 7.93 5.65 -20.89
N ALA C 108 8.94 4.89 -21.30
CA ALA C 108 10.29 5.11 -20.83
C ALA C 108 10.78 6.43 -21.39
N ARG C 109 10.46 6.68 -22.66
CA ARG C 109 10.87 7.89 -23.33
C ARG C 109 9.93 9.05 -22.99
N CYS C 110 8.68 8.74 -22.70
CA CYS C 110 7.71 9.77 -22.33
C CYS C 110 8.06 10.34 -20.96
N LEU C 111 9.06 9.76 -20.31
CA LEU C 111 9.51 10.24 -19.00
C LEU C 111 10.84 10.96 -19.19
N TRP C 112 11.60 10.52 -20.18
CA TRP C 112 12.90 11.11 -20.49
C TRP C 112 12.66 12.44 -21.19
N GLU C 113 11.75 12.41 -22.16
CA GLU C 113 11.37 13.59 -22.93
C GLU C 113 10.50 14.50 -22.06
N GLU C 114 10.12 13.98 -20.89
CA GLU C 114 9.30 14.69 -19.94
C GLU C 114 10.22 15.28 -18.88
N SER C 115 11.51 14.98 -18.97
CA SER C 115 12.47 15.50 -18.02
C SER C 115 13.21 16.72 -18.57
N ARG C 116 13.33 16.78 -19.89
CA ARG C 116 13.99 17.89 -20.54
C ARG C 116 13.23 19.21 -20.36
N LEU C 117 12.06 19.12 -19.72
CA LEU C 117 11.25 20.31 -19.46
C LEU C 117 10.97 20.45 -17.97
N GLY D 1 -33.16 19.38 -9.45
CA GLY D 1 -32.49 20.61 -9.97
C GLY D 1 -31.56 20.27 -11.10
N PRO D 2 -31.21 21.23 -11.97
CA PRO D 2 -30.31 20.93 -13.09
C PRO D 2 -29.08 20.13 -12.63
N GLY D 3 -28.90 18.95 -13.20
CA GLY D 3 -27.77 18.10 -12.86
C GLY D 3 -28.10 16.99 -11.87
N SER D 4 -29.36 16.88 -11.47
CA SER D 4 -29.76 15.86 -10.54
C SER D 4 -29.86 14.52 -11.28
N GLN D 5 -29.96 14.57 -12.60
CA GLN D 5 -30.05 13.34 -13.34
C GLN D 5 -28.68 12.66 -13.39
N TRP D 6 -27.63 13.47 -13.45
CA TRP D 6 -26.30 12.91 -13.49
C TRP D 6 -25.99 12.38 -12.11
N ASN D 7 -26.57 12.99 -11.08
CA ASN D 7 -26.33 12.54 -9.73
C ASN D 7 -27.00 11.20 -9.51
N GLN D 8 -28.17 10.99 -10.09
CA GLN D 8 -28.84 9.72 -9.92
C GLN D 8 -28.09 8.61 -10.64
N LEU D 9 -27.57 8.90 -11.83
CA LEU D 9 -26.85 7.90 -12.62
C LEU D 9 -25.57 7.43 -11.92
N GLN D 10 -24.93 8.33 -11.19
CA GLN D 10 -23.71 7.98 -10.46
C GLN D 10 -24.04 6.97 -9.36
N GLN D 11 -25.30 6.94 -8.96
CA GLN D 11 -25.77 6.03 -7.92
C GLN D 11 -26.35 4.73 -8.48
N LEU D 12 -26.29 4.56 -9.79
CA LEU D 12 -26.80 3.34 -10.41
C LEU D 12 -26.14 2.12 -9.79
N ASP D 13 -26.79 0.98 -9.97
CA ASP D 13 -26.32 -0.32 -9.49
C ASP D 13 -25.25 -0.81 -10.45
N THR D 14 -24.16 -1.39 -9.94
CA THR D 14 -23.09 -1.89 -10.80
C THR D 14 -23.64 -2.70 -11.98
N ARG D 15 -24.84 -3.23 -11.81
CA ARG D 15 -25.47 -4.00 -12.86
C ARG D 15 -25.69 -3.20 -14.14
N TYR D 16 -25.89 -1.89 -13.99
CA TYR D 16 -26.18 -1.01 -15.11
C TYR D 16 -25.06 -0.08 -15.60
N LEU D 17 -23.93 -0.06 -14.90
CA LEU D 17 -22.82 0.80 -15.27
C LEU D 17 -22.25 0.61 -16.66
N GLU D 18 -22.16 -0.63 -17.14
CA GLU D 18 -21.59 -0.81 -18.47
C GLU D 18 -22.54 -0.22 -19.50
N GLN D 19 -23.85 -0.33 -19.25
CA GLN D 19 -24.82 0.24 -20.16
C GLN D 19 -24.69 1.76 -20.16
N LEU D 20 -24.30 2.32 -19.01
CA LEU D 20 -24.12 3.76 -18.88
C LEU D 20 -22.89 4.21 -19.68
N HIS D 21 -21.73 3.58 -19.45
CA HIS D 21 -20.51 3.93 -20.18
C HIS D 21 -20.65 3.91 -21.68
N GLN D 22 -21.56 3.07 -22.15
CA GLN D 22 -21.75 2.90 -23.58
C GLN D 22 -22.57 3.99 -24.24
N LEU D 23 -23.19 4.83 -23.43
CA LEU D 23 -23.99 5.91 -23.93
C LEU D 23 -23.12 7.08 -24.36
N TYR D 24 -21.85 7.07 -24.00
CA TYR D 24 -21.02 8.19 -24.36
C TYR D 24 -20.18 7.99 -25.60
N SER D 25 -19.58 9.05 -26.09
CA SER D 25 -18.84 8.93 -27.32
C SER D 25 -17.90 10.09 -27.43
N ASP D 26 -17.09 10.10 -28.48
CA ASP D 26 -16.17 11.18 -28.70
C ASP D 26 -16.92 12.50 -28.88
N SER D 27 -18.10 12.42 -29.50
CA SER D 27 -18.91 13.61 -29.75
C SER D 27 -19.49 14.08 -28.43
N PHE D 28 -19.89 13.13 -27.59
CA PHE D 28 -20.46 13.52 -26.32
C PHE D 28 -19.82 12.66 -25.25
N PRO D 29 -18.62 13.06 -24.81
CA PRO D 29 -17.91 12.30 -23.78
C PRO D 29 -18.44 12.49 -22.39
N MET D 30 -18.25 11.47 -21.54
CA MET D 30 -18.72 11.55 -20.17
C MET D 30 -18.12 12.73 -19.41
N GLU D 31 -16.89 13.11 -19.75
CA GLU D 31 -16.22 14.24 -19.10
C GLU D 31 -17.14 15.43 -19.20
N LEU D 32 -17.66 15.64 -20.40
CA LEU D 32 -18.54 16.75 -20.69
C LEU D 32 -19.88 16.59 -19.99
N ARG D 33 -20.43 15.39 -19.99
CA ARG D 33 -21.73 15.16 -19.35
C ARG D 33 -21.72 15.51 -17.89
N GLN D 34 -20.57 15.33 -17.24
CA GLN D 34 -20.48 15.64 -15.82
C GLN D 34 -20.16 17.09 -15.52
N PHE D 35 -19.06 17.59 -16.09
CA PHE D 35 -18.62 18.94 -15.86
C PHE D 35 -19.70 20.01 -16.10
N LEU D 36 -20.63 19.73 -17.00
CA LEU D 36 -21.71 20.67 -17.36
C LEU D 36 -23.09 20.07 -17.18
N ALA D 37 -23.20 19.10 -16.29
CA ALA D 37 -24.47 18.45 -16.06
C ALA D 37 -25.63 19.42 -15.84
N PRO D 38 -25.42 20.47 -15.03
CA PRO D 38 -26.53 21.39 -14.82
C PRO D 38 -26.90 22.10 -16.13
N TRP D 39 -25.91 22.72 -16.78
CA TRP D 39 -26.14 23.41 -18.03
C TRP D 39 -26.73 22.49 -19.13
N ILE D 40 -26.24 21.25 -19.20
CA ILE D 40 -26.70 20.28 -20.18
C ILE D 40 -28.11 19.80 -19.89
N GLU D 41 -28.45 19.77 -18.61
CA GLU D 41 -29.77 19.32 -18.21
C GLU D 41 -30.80 20.45 -18.27
N SER D 42 -30.32 21.68 -18.46
CA SER D 42 -31.20 22.84 -18.57
C SER D 42 -31.64 23.22 -20.00
N GLN D 43 -31.09 22.52 -21.01
CA GLN D 43 -31.41 22.78 -22.42
C GLN D 43 -32.53 21.89 -22.94
N ASP D 44 -33.14 22.33 -24.04
CA ASP D 44 -34.21 21.58 -24.71
C ASP D 44 -33.57 20.98 -25.96
N TRP D 45 -32.88 19.87 -25.79
CA TRP D 45 -32.18 19.22 -26.88
C TRP D 45 -33.11 18.63 -27.93
N ALA D 46 -34.27 18.19 -27.49
CA ALA D 46 -35.21 17.63 -28.46
C ALA D 46 -35.58 18.79 -29.41
N TYR D 47 -35.88 19.96 -28.85
CA TYR D 47 -36.23 21.11 -29.69
C TYR D 47 -35.05 21.49 -30.57
N ALA D 48 -33.86 21.55 -29.98
CA ALA D 48 -32.65 21.90 -30.72
C ALA D 48 -32.42 20.95 -31.89
N ALA D 49 -32.70 19.66 -31.68
CA ALA D 49 -32.50 18.66 -32.72
C ALA D 49 -33.42 18.83 -33.91
N SER D 50 -34.53 19.52 -33.71
CA SER D 50 -35.48 19.68 -34.78
C SER D 50 -35.46 21.07 -35.39
N LYS D 51 -34.89 22.03 -34.66
CA LYS D 51 -34.87 23.42 -35.09
C LYS D 51 -33.44 23.98 -35.16
N GLU D 52 -32.90 24.03 -36.37
CA GLU D 52 -31.54 24.55 -36.56
C GLU D 52 -31.25 25.85 -35.81
N SER D 53 -32.17 26.80 -35.82
CA SER D 53 -31.89 28.04 -35.12
C SER D 53 -31.54 27.81 -33.67
N HIS D 54 -32.33 27.01 -32.98
CA HIS D 54 -32.05 26.76 -31.57
C HIS D 54 -30.76 25.94 -31.37
N ALA D 55 -30.59 24.92 -32.21
CA ALA D 55 -29.40 24.09 -32.15
C ALA D 55 -28.17 24.98 -32.26
N THR D 56 -28.21 25.90 -33.20
CA THR D 56 -27.11 26.80 -33.40
C THR D 56 -26.84 27.62 -32.12
N LEU D 57 -27.90 28.14 -31.51
CA LEU D 57 -27.75 28.93 -30.29
C LEU D 57 -27.23 28.07 -29.16
N VAL D 58 -27.82 26.88 -28.99
CA VAL D 58 -27.40 25.95 -27.94
C VAL D 58 -25.93 25.57 -28.13
N PHE D 59 -25.56 25.24 -29.37
CA PHE D 59 -24.19 24.84 -29.62
C PHE D 59 -23.18 25.94 -29.34
N HIS D 60 -23.52 27.17 -29.70
CA HIS D 60 -22.59 28.27 -29.47
C HIS D 60 -22.36 28.43 -27.95
N ASN D 61 -23.42 28.24 -27.18
CA ASN D 61 -23.31 28.38 -25.75
C ASN D 61 -22.57 27.20 -25.12
N LEU D 62 -22.68 26.03 -25.75
CA LEU D 62 -21.99 24.85 -25.27
C LEU D 62 -20.46 25.10 -25.33
N LEU D 63 -19.99 25.72 -26.41
CA LEU D 63 -18.59 26.01 -26.57
C LEU D 63 -18.12 26.94 -25.47
N GLY D 64 -18.91 27.98 -25.21
CA GLY D 64 -18.58 28.97 -24.21
C GLY D 64 -18.65 28.39 -22.80
N GLU D 65 -19.50 27.40 -22.58
CA GLU D 65 -19.57 26.80 -21.27
C GLU D 65 -18.29 25.97 -21.10
N ILE D 66 -17.83 25.34 -22.19
CA ILE D 66 -16.61 24.54 -22.16
C ILE D 66 -15.41 25.45 -21.89
N ASP D 67 -15.43 26.65 -22.46
CA ASP D 67 -14.37 27.62 -22.24
C ASP D 67 -14.37 28.04 -20.76
N GLN D 68 -15.55 28.09 -20.15
CA GLN D 68 -15.66 28.45 -18.73
C GLN D 68 -15.00 27.38 -17.87
N GLN D 69 -15.40 26.13 -18.09
CA GLN D 69 -14.84 25.01 -17.34
C GLN D 69 -13.32 24.97 -17.51
N TYR D 70 -12.85 25.19 -18.73
CA TYR D 70 -11.42 25.17 -19.04
C TYR D 70 -10.67 26.17 -18.19
N SER D 71 -11.21 27.37 -18.08
CA SER D 71 -10.59 28.41 -17.29
C SER D 71 -10.59 28.02 -15.82
N ARG D 72 -11.63 27.29 -15.40
CA ARG D 72 -11.76 26.84 -14.02
C ARG D 72 -10.71 25.78 -13.65
N PHE D 73 -10.47 24.84 -14.57
CA PHE D 73 -9.49 23.78 -14.34
C PHE D 73 -8.08 24.32 -14.45
N LEU D 74 -7.93 25.47 -15.10
CA LEU D 74 -6.63 26.09 -15.24
C LEU D 74 -6.17 26.55 -13.85
N GLN D 75 -7.14 26.77 -12.97
CA GLN D 75 -6.84 27.18 -11.61
C GLN D 75 -6.49 25.93 -10.82
N GLU D 76 -7.41 24.95 -10.81
CA GLU D 76 -7.20 23.71 -10.11
C GLU D 76 -5.95 22.99 -10.65
N SER D 77 -5.35 23.59 -11.67
CA SER D 77 -4.16 23.03 -12.29
C SER D 77 -4.33 21.56 -12.67
N ASN D 78 -5.55 21.18 -13.07
CA ASN D 78 -5.82 19.79 -13.46
C ASN D 78 -5.41 19.60 -14.92
N VAL D 79 -4.10 19.51 -15.14
CA VAL D 79 -3.55 19.35 -16.49
C VAL D 79 -4.33 18.35 -17.32
N LEU D 80 -4.73 17.25 -16.71
CA LEU D 80 -5.48 16.22 -17.42
C LEU D 80 -6.77 16.79 -18.01
N TYR D 81 -7.66 17.28 -17.15
CA TYR D 81 -8.93 17.83 -17.61
C TYR D 81 -8.79 19.08 -18.49
N GLN D 82 -7.69 19.81 -18.36
CA GLN D 82 -7.50 20.98 -19.19
C GLN D 82 -7.22 20.43 -20.58
N HIS D 83 -6.49 19.32 -20.61
CA HIS D 83 -6.10 18.65 -21.85
C HIS D 83 -7.31 18.01 -22.52
N ASN D 84 -8.15 17.38 -21.70
CA ASN D 84 -9.35 16.75 -22.20
C ASN D 84 -10.34 17.77 -22.76
N LEU D 85 -10.47 18.93 -22.11
CA LEU D 85 -11.40 19.93 -22.61
C LEU D 85 -10.89 20.48 -23.93
N ARG D 86 -9.58 20.65 -24.02
CA ARG D 86 -8.98 21.18 -25.25
C ARG D 86 -9.39 20.30 -26.44
N ARG D 87 -9.23 18.99 -26.29
CA ARG D 87 -9.58 18.06 -27.37
C ARG D 87 -11.08 18.04 -27.64
N ILE D 88 -11.87 17.93 -26.59
CA ILE D 88 -13.32 17.90 -26.76
C ILE D 88 -13.82 19.10 -27.55
N LYS D 89 -13.38 20.29 -27.17
CA LYS D 89 -13.82 21.48 -27.88
C LYS D 89 -13.47 21.39 -29.35
N GLN D 90 -12.20 21.12 -29.65
CA GLN D 90 -11.78 21.03 -31.03
C GLN D 90 -12.53 19.97 -31.81
N PHE D 91 -12.77 18.82 -31.19
CA PHE D 91 -13.50 17.74 -31.86
C PHE D 91 -14.89 18.22 -32.28
N LEU D 92 -15.58 18.89 -31.35
CA LEU D 92 -16.92 19.41 -31.58
C LEU D 92 -16.95 20.47 -32.66
N GLN D 93 -16.06 21.43 -32.51
CA GLN D 93 -15.99 22.54 -33.43
C GLN D 93 -15.69 22.15 -34.87
N SER D 94 -14.70 21.31 -35.01
CA SER D 94 -14.28 20.78 -36.26
C SER D 94 -15.33 19.88 -36.83
N ARG D 95 -16.02 19.14 -35.98
CA ARG D 95 -17.03 18.25 -36.48
C ARG D 95 -18.46 18.72 -36.51
N TYR D 96 -18.88 19.56 -35.57
CA TYR D 96 -20.29 19.93 -35.49
C TYR D 96 -20.70 21.36 -35.63
N LEU D 97 -19.76 22.24 -35.86
CA LEU D 97 -20.01 23.67 -35.96
C LEU D 97 -20.93 23.96 -37.14
N GLU D 98 -20.84 23.14 -38.17
CA GLU D 98 -21.64 23.32 -39.36
C GLU D 98 -22.86 22.38 -39.31
N LYS D 99 -22.95 21.61 -38.23
CA LYS D 99 -24.04 20.66 -38.04
C LYS D 99 -24.49 20.66 -36.58
N PRO D 100 -24.99 21.79 -36.11
CA PRO D 100 -25.46 21.86 -34.72
C PRO D 100 -26.58 20.89 -34.37
N MET D 101 -27.41 20.55 -35.36
CA MET D 101 -28.51 19.64 -35.12
C MET D 101 -28.06 18.20 -34.89
N GLU D 102 -26.97 17.77 -35.52
CA GLU D 102 -26.51 16.40 -35.34
C GLU D 102 -25.99 16.16 -33.94
N ILE D 103 -25.22 17.11 -33.40
CA ILE D 103 -24.71 16.97 -32.03
C ILE D 103 -25.88 17.02 -31.05
N ALA D 104 -26.85 17.91 -31.29
CA ALA D 104 -27.99 18.00 -30.42
C ALA D 104 -28.79 16.70 -30.43
N ARG D 105 -28.84 16.05 -31.59
CA ARG D 105 -29.57 14.80 -31.76
C ARG D 105 -28.87 13.75 -30.91
N ILE D 106 -27.54 13.77 -30.93
CA ILE D 106 -26.72 12.86 -30.16
C ILE D 106 -26.93 13.03 -28.65
N VAL D 107 -26.93 14.28 -28.19
CA VAL D 107 -27.13 14.59 -26.78
C VAL D 107 -28.53 14.25 -26.33
N ALA D 108 -29.50 14.52 -27.18
CA ALA D 108 -30.89 14.24 -26.83
C ALA D 108 -31.06 12.73 -26.66
N ARG D 109 -30.47 11.96 -27.55
CA ARG D 109 -30.55 10.49 -27.47
C ARG D 109 -29.93 10.06 -26.15
N CYS D 110 -28.74 10.59 -25.86
CA CYS D 110 -28.03 10.26 -24.64
C CYS D 110 -28.90 10.43 -23.39
N LEU D 111 -29.43 11.63 -23.18
CA LEU D 111 -30.28 11.87 -22.02
C LEU D 111 -31.50 10.97 -22.03
N TRP D 112 -32.01 10.63 -23.21
CA TRP D 112 -33.19 9.78 -23.28
C TRP D 112 -32.82 8.41 -22.73
N GLU D 113 -31.76 7.81 -23.28
CA GLU D 113 -31.28 6.52 -22.84
C GLU D 113 -30.94 6.53 -21.35
N GLU D 114 -30.42 7.65 -20.85
CA GLU D 114 -30.05 7.78 -19.43
C GLU D 114 -31.25 7.58 -18.52
N SER D 115 -32.24 8.46 -18.65
CA SER D 115 -33.42 8.38 -17.81
C SER D 115 -34.10 7.04 -18.06
N ARG D 116 -34.02 6.58 -19.30
CA ARG D 116 -34.62 5.29 -19.64
C ARG D 116 -33.90 4.18 -18.85
N LEU D 117 -32.58 4.28 -18.79
CA LEU D 117 -31.78 3.31 -18.07
C LEU D 117 -32.14 3.33 -16.59
N LEU D 118 -32.48 4.53 -16.11
CA LEU D 118 -32.84 4.71 -14.72
C LEU D 118 -34.17 4.04 -14.40
N GLN D 119 -35.12 4.13 -15.32
CA GLN D 119 -36.42 3.51 -15.13
C GLN D 119 -36.25 2.00 -14.97
N THR D 120 -35.46 1.38 -15.85
CA THR D 120 -35.21 -0.06 -15.78
C THR D 120 -34.62 -0.42 -14.43
N ALA D 121 -33.84 0.49 -13.85
CA ALA D 121 -33.20 0.28 -12.56
C ALA D 121 -34.20 0.56 -11.43
N ALA D 122 -35.14 1.45 -11.69
CA ALA D 122 -36.14 1.81 -10.69
C ALA D 122 -37.21 0.73 -10.54
N THR D 123 -37.74 0.23 -11.66
CA THR D 123 -38.76 -0.82 -11.61
C THR D 123 -38.18 -2.09 -10.99
N ALA D 124 -36.90 -2.05 -10.65
CA ALA D 124 -36.26 -3.21 -10.05
C ALA D 124 -36.38 -3.13 -8.53
N ALA D 125 -37.43 -2.45 -8.06
CA ALA D 125 -37.70 -2.30 -6.63
C ALA D 125 -38.78 -3.28 -6.22
N GLN D 126 -38.67 -4.50 -6.74
CA GLN D 126 -39.62 -5.57 -6.45
C GLN D 126 -39.12 -6.45 -5.31
N PRO E 2 -16.47 14.42 22.58
CA PRO E 2 -17.87 14.62 23.01
C PRO E 2 -18.62 13.32 23.26
N GLY E 3 -17.87 12.21 23.34
CA GLY E 3 -18.46 10.91 23.57
C GLY E 3 -19.30 10.42 22.40
N SER E 4 -19.29 11.18 21.31
CA SER E 4 -20.05 10.85 20.11
C SER E 4 -19.61 9.53 19.50
N GLN E 5 -18.30 9.37 19.29
CA GLN E 5 -17.76 8.17 18.71
C GLN E 5 -18.19 6.91 19.46
N TRP E 6 -17.97 6.86 20.78
CA TRP E 6 -18.37 5.69 21.55
C TRP E 6 -19.85 5.40 21.40
N ASN E 7 -20.65 6.44 21.31
CA ASN E 7 -22.10 6.29 21.17
C ASN E 7 -22.40 5.37 19.97
N GLN E 8 -21.62 5.53 18.91
CA GLN E 8 -21.80 4.73 17.69
C GLN E 8 -21.33 3.29 17.91
N LEU E 9 -20.29 3.13 18.71
CA LEU E 9 -19.74 1.81 19.00
C LEU E 9 -20.74 0.98 19.81
N GLN E 10 -21.55 1.64 20.63
CA GLN E 10 -22.54 0.93 21.44
C GLN E 10 -23.65 0.35 20.56
N GLN E 11 -23.87 0.96 19.41
CA GLN E 11 -24.92 0.52 18.50
C GLN E 11 -24.40 -0.25 17.29
N LEU E 12 -23.21 -0.84 17.41
CA LEU E 12 -22.63 -1.61 16.33
C LEU E 12 -23.33 -2.96 16.22
N ASP E 13 -23.35 -3.54 15.03
CA ASP E 13 -23.98 -4.84 14.82
C ASP E 13 -23.16 -5.96 15.42
N THR E 14 -23.82 -7.06 15.73
CA THR E 14 -23.14 -8.21 16.32
C THR E 14 -22.03 -8.71 15.40
N ARG E 15 -22.05 -8.27 14.15
CA ARG E 15 -21.05 -8.67 13.15
C ARG E 15 -19.72 -7.95 13.34
N TYR E 16 -19.70 -6.96 14.21
CA TYR E 16 -18.47 -6.20 14.45
C TYR E 16 -17.98 -6.26 15.89
N LEU E 17 -18.87 -6.61 16.81
CA LEU E 17 -18.52 -6.69 18.22
C LEU E 17 -17.23 -7.44 18.51
N GLU E 18 -17.06 -8.61 17.91
CA GLU E 18 -15.88 -9.42 18.11
C GLU E 18 -14.61 -8.63 17.80
N GLN E 19 -14.62 -7.90 16.68
CA GLN E 19 -13.45 -7.11 16.29
C GLN E 19 -13.28 -5.91 17.21
N LEU E 20 -14.40 -5.40 17.71
CA LEU E 20 -14.40 -4.24 18.59
C LEU E 20 -13.85 -4.62 19.97
N HIS E 21 -14.20 -5.82 20.43
CA HIS E 21 -13.74 -6.31 21.72
C HIS E 21 -12.24 -6.58 21.73
N GLN E 22 -11.63 -6.65 20.57
CA GLN E 22 -10.20 -6.94 20.49
C GLN E 22 -9.33 -5.71 20.47
N LEU E 23 -9.96 -4.54 20.50
CA LEU E 23 -9.22 -3.30 20.48
C LEU E 23 -8.75 -2.87 21.87
N TYR E 24 -9.51 -3.25 22.89
CA TYR E 24 -9.19 -2.88 24.26
C TYR E 24 -8.18 -3.83 24.93
N SER E 25 -7.44 -3.29 25.89
CA SER E 25 -6.42 -4.05 26.62
C SER E 25 -6.46 -3.67 28.09
N ASP E 26 -5.56 -4.25 28.89
CA ASP E 26 -5.52 -3.93 30.32
C ASP E 26 -5.18 -2.46 30.50
N SER E 27 -4.39 -1.92 29.59
CA SER E 27 -3.98 -0.54 29.66
C SER E 27 -5.11 0.40 29.26
N PHE E 28 -5.87 0.01 28.24
CA PHE E 28 -6.99 0.81 27.79
C PHE E 28 -8.25 -0.06 27.73
N PRO E 29 -8.89 -0.30 28.90
CA PRO E 29 -10.11 -1.11 29.08
C PRO E 29 -11.33 -0.46 28.43
N MET E 30 -12.27 -1.26 27.97
CA MET E 30 -13.47 -0.73 27.36
C MET E 30 -14.30 -0.08 28.45
N GLU E 31 -14.11 -0.54 29.69
CA GLU E 31 -14.84 0.00 30.83
C GLU E 31 -14.44 1.46 31.03
N LEU E 32 -13.17 1.76 30.79
CA LEU E 32 -12.63 3.11 30.91
C LEU E 32 -13.04 3.91 29.68
N ARG E 33 -12.87 3.29 28.52
CA ARG E 33 -13.21 3.90 27.24
C ARG E 33 -14.63 4.44 27.27
N GLN E 34 -15.51 3.74 27.97
CA GLN E 34 -16.90 4.15 28.07
C GLN E 34 -17.11 5.15 29.22
N PHE E 35 -16.51 4.88 30.38
CA PHE E 35 -16.66 5.78 31.52
C PHE E 35 -16.29 7.21 31.16
N LEU E 36 -15.07 7.41 30.67
CA LEU E 36 -14.59 8.73 30.31
C LEU E 36 -14.56 9.01 28.82
N ALA E 37 -15.48 8.40 28.07
CA ALA E 37 -15.54 8.59 26.63
C ALA E 37 -15.56 10.06 26.24
N PRO E 38 -16.44 10.86 26.88
CA PRO E 38 -16.50 12.29 26.55
C PRO E 38 -15.11 12.93 26.63
N TRP E 39 -14.40 12.66 27.71
CA TRP E 39 -13.06 13.22 27.90
C TRP E 39 -12.02 12.62 26.94
N ILE E 40 -12.06 11.29 26.78
CA ILE E 40 -11.12 10.59 25.91
C ILE E 40 -11.16 11.09 24.48
N GLU E 41 -12.35 11.38 23.97
CA GLU E 41 -12.48 11.86 22.60
C GLU E 41 -12.19 13.35 22.46
N SER E 42 -11.78 13.97 23.56
CA SER E 42 -11.46 15.40 23.54
C SER E 42 -9.98 15.61 23.33
N GLN E 43 -9.16 14.71 23.87
CA GLN E 43 -7.71 14.80 23.76
C GLN E 43 -7.24 14.39 22.37
N ASP E 44 -6.17 15.02 21.89
CA ASP E 44 -5.60 14.70 20.58
C ASP E 44 -4.48 13.68 20.82
N TRP E 45 -4.89 12.45 21.14
CA TRP E 45 -3.96 11.37 21.44
C TRP E 45 -2.93 11.11 20.38
N ALA E 46 -3.25 11.45 19.14
CA ALA E 46 -2.29 11.24 18.07
C ALA E 46 -1.05 12.08 18.39
N TYR E 47 -1.24 13.37 18.62
CA TYR E 47 -0.13 14.27 18.96
C TYR E 47 0.55 13.86 20.28
N ALA E 48 -0.23 13.44 21.25
CA ALA E 48 0.30 13.03 22.55
C ALA E 48 1.29 11.87 22.43
N ALA E 49 1.16 11.08 21.37
CA ALA E 49 2.04 9.94 21.15
C ALA E 49 3.33 10.32 20.44
N SER E 50 3.55 11.62 20.28
CA SER E 50 4.77 12.09 19.62
C SER E 50 5.46 13.20 20.44
N LYS E 51 4.73 13.81 21.37
CA LYS E 51 5.25 14.87 22.24
C LYS E 51 5.17 14.45 23.70
N GLU E 52 6.31 14.10 24.29
CA GLU E 52 6.31 13.67 25.68
C GLU E 52 5.77 14.75 26.62
N SER E 53 5.88 16.01 26.20
CA SER E 53 5.39 17.12 27.04
C SER E 53 3.87 17.08 27.10
N HIS E 54 3.25 16.81 25.96
CA HIS E 54 1.79 16.74 25.86
C HIS E 54 1.26 15.46 26.48
N ALA E 55 1.97 14.36 26.28
CA ALA E 55 1.54 13.08 26.83
C ALA E 55 1.59 13.09 28.36
N THR E 56 2.44 13.94 28.92
CA THR E 56 2.59 14.07 30.37
C THR E 56 1.36 14.73 30.96
N LEU E 57 0.86 15.76 30.27
CA LEU E 57 -0.33 16.47 30.75
C LEU E 57 -1.58 15.65 30.47
N VAL E 58 -1.64 15.08 29.27
CA VAL E 58 -2.80 14.25 28.91
C VAL E 58 -2.91 13.11 29.92
N PHE E 59 -1.79 12.50 30.26
CA PHE E 59 -1.80 11.41 31.22
C PHE E 59 -2.18 11.92 32.61
N HIS E 60 -1.57 13.03 33.01
CA HIS E 60 -1.83 13.64 34.31
C HIS E 60 -3.29 14.09 34.44
N ASN E 61 -3.92 14.45 33.31
CA ASN E 61 -5.31 14.85 33.36
C ASN E 61 -6.18 13.59 33.40
N LEU E 62 -5.78 12.57 32.63
CA LEU E 62 -6.52 11.30 32.60
C LEU E 62 -6.68 10.81 34.03
N LEU E 63 -5.55 10.72 34.74
CA LEU E 63 -5.54 10.27 36.13
C LEU E 63 -6.42 11.17 36.97
N GLY E 64 -6.48 12.45 36.58
CA GLY E 64 -7.30 13.41 37.29
C GLY E 64 -8.77 13.14 37.07
N GLU E 65 -9.14 12.83 35.83
CA GLU E 65 -10.54 12.54 35.49
C GLU E 65 -10.96 11.23 36.16
N ILE E 66 -9.98 10.41 36.52
CA ILE E 66 -10.28 9.14 37.18
C ILE E 66 -10.52 9.36 38.67
N ASP E 67 -9.76 10.28 39.26
CA ASP E 67 -9.92 10.58 40.69
C ASP E 67 -11.26 11.25 40.95
N GLN E 68 -11.71 12.07 39.99
CA GLN E 68 -12.98 12.77 40.11
C GLN E 68 -14.14 11.77 40.16
N GLN E 69 -14.08 10.78 39.26
CA GLN E 69 -15.10 9.75 39.20
C GLN E 69 -15.06 8.83 40.40
N TYR E 70 -13.85 8.52 40.87
CA TYR E 70 -13.68 7.66 42.03
C TYR E 70 -14.37 8.24 43.24
N SER E 71 -14.04 9.50 43.54
CA SER E 71 -14.64 10.18 44.68
C SER E 71 -16.14 10.29 44.51
N ARG E 72 -16.59 10.37 43.27
CA ARG E 72 -18.02 10.46 42.99
C ARG E 72 -18.78 9.23 43.49
N PHE E 73 -18.28 8.06 43.14
CA PHE E 73 -18.92 6.81 43.55
C PHE E 73 -18.63 6.43 44.99
N LEU E 74 -17.59 7.03 45.57
CA LEU E 74 -17.22 6.72 46.95
C LEU E 74 -18.32 7.27 47.88
N GLN E 75 -19.02 8.30 47.41
CA GLN E 75 -20.09 8.92 48.17
C GLN E 75 -21.42 8.26 47.84
N GLU E 76 -21.47 7.61 46.68
CA GLU E 76 -22.67 6.91 46.22
C GLU E 76 -22.69 5.48 46.74
N SER E 77 -21.75 5.18 47.62
CA SER E 77 -21.63 3.85 48.22
C SER E 77 -21.53 2.74 47.17
N ASN E 78 -21.20 3.12 45.95
CA ASN E 78 -21.06 2.16 44.84
C ASN E 78 -19.66 1.54 44.88
N VAL E 79 -19.44 0.57 45.75
CA VAL E 79 -18.11 0.00 45.87
C VAL E 79 -17.56 -0.69 44.65
N LEU E 80 -18.41 -1.29 43.83
CA LEU E 80 -17.90 -1.93 42.66
C LEU E 80 -17.24 -0.99 41.70
N TYR E 81 -17.86 0.12 41.40
CA TYR E 81 -17.23 1.05 40.48
C TYR E 81 -16.03 1.66 41.13
N GLN E 82 -16.06 1.71 42.43
CA GLN E 82 -14.97 2.30 43.21
C GLN E 82 -13.73 1.44 43.02
N HIS E 83 -13.95 0.12 43.03
CA HIS E 83 -12.86 -0.84 42.88
C HIS E 83 -12.27 -0.86 41.47
N ASN E 84 -13.12 -0.72 40.46
CA ASN E 84 -12.68 -0.74 39.08
C ASN E 84 -11.82 0.47 38.74
N LEU E 85 -12.29 1.66 39.12
CA LEU E 85 -11.54 2.90 38.87
C LEU E 85 -10.19 2.83 39.57
N ARG E 86 -10.21 2.33 40.81
CA ARG E 86 -9.00 2.19 41.60
C ARG E 86 -8.03 1.31 40.82
N ARG E 87 -8.56 0.20 40.31
CA ARG E 87 -7.83 -0.78 39.53
C ARG E 87 -7.13 -0.13 38.34
N ILE E 88 -7.90 0.52 37.49
CA ILE E 88 -7.35 1.17 36.30
C ILE E 88 -6.26 2.17 36.65
N LYS E 89 -6.57 3.08 37.57
CA LYS E 89 -5.61 4.10 37.97
C LYS E 89 -4.28 3.52 38.44
N GLN E 90 -4.33 2.58 39.37
CA GLN E 90 -3.12 1.96 39.90
C GLN E 90 -2.36 1.16 38.84
N PHE E 91 -3.07 0.69 37.82
CA PHE E 91 -2.45 -0.08 36.75
C PHE E 91 -1.79 0.85 35.74
N LEU E 92 -2.38 2.02 35.54
CA LEU E 92 -1.85 2.99 34.59
C LEU E 92 -0.62 3.73 35.11
N GLN E 93 -0.74 4.35 36.29
CA GLN E 93 0.36 5.10 36.87
C GLN E 93 1.56 4.24 37.23
N SER E 94 1.35 2.93 37.33
CA SER E 94 2.43 2.01 37.67
C SER E 94 3.20 1.54 36.45
N ARG E 95 2.70 1.85 35.26
CA ARG E 95 3.38 1.41 34.05
C ARG E 95 3.68 2.52 33.07
N TYR E 96 2.84 3.55 33.06
CA TYR E 96 3.02 4.65 32.12
C TYR E 96 3.27 6.02 32.75
N LEU E 97 3.46 6.06 34.07
CA LEU E 97 3.72 7.32 34.74
C LEU E 97 4.97 7.98 34.20
N GLU E 98 6.03 7.20 34.05
CA GLU E 98 7.29 7.69 33.51
C GLU E 98 7.44 7.37 32.05
N LYS E 99 6.40 6.82 31.44
CA LYS E 99 6.37 6.54 30.01
C LYS E 99 5.02 6.93 29.50
N PRO E 100 4.69 8.20 29.55
CA PRO E 100 3.39 8.71 29.15
C PRO E 100 3.07 8.55 27.69
N MET E 101 4.08 8.70 26.87
CA MET E 101 3.94 8.62 25.43
C MET E 101 3.44 7.25 24.98
N GLU E 102 3.84 6.20 25.69
CA GLU E 102 3.45 4.84 25.35
C GLU E 102 1.96 4.61 25.56
N ILE E 103 1.45 5.02 26.70
CA ILE E 103 0.03 4.86 26.96
C ILE E 103 -0.79 5.70 25.99
N ALA E 104 -0.19 6.79 25.53
CA ALA E 104 -0.84 7.70 24.59
C ALA E 104 -1.11 7.03 23.25
N ARG E 105 -0.16 6.24 22.76
CA ARG E 105 -0.36 5.57 21.48
C ARG E 105 -1.27 4.35 21.61
N ILE E 106 -1.30 3.75 22.79
CA ILE E 106 -2.16 2.59 23.02
C ILE E 106 -3.59 3.03 22.78
N VAL E 107 -3.95 4.17 23.35
CA VAL E 107 -5.29 4.72 23.19
C VAL E 107 -5.45 5.41 21.83
N ALA E 108 -4.38 5.99 21.30
CA ALA E 108 -4.46 6.66 20.00
C ALA E 108 -4.73 5.66 18.88
N ARG E 109 -4.04 4.53 18.94
CA ARG E 109 -4.20 3.49 17.94
C ARG E 109 -5.59 2.86 18.08
N CYS E 110 -6.06 2.74 19.31
CA CYS E 110 -7.37 2.17 19.55
C CYS E 110 -8.44 3.05 18.90
N LEU E 111 -8.37 4.36 19.16
CA LEU E 111 -9.32 5.28 18.58
C LEU E 111 -9.18 5.33 17.08
N TRP E 112 -7.97 5.06 16.59
CA TRP E 112 -7.71 5.06 15.17
C TRP E 112 -8.48 3.91 14.52
N GLU E 113 -8.49 2.77 15.19
CA GLU E 113 -9.18 1.60 14.67
C GLU E 113 -10.68 1.66 14.86
N GLU E 114 -11.13 2.35 15.91
CA GLU E 114 -12.56 2.49 16.12
C GLU E 114 -13.12 3.28 14.95
N SER E 115 -12.38 4.28 14.49
CA SER E 115 -12.81 5.11 13.36
C SER E 115 -12.91 4.29 12.09
N ARG E 116 -11.87 3.51 11.79
CA ARG E 116 -11.88 2.68 10.59
C ARG E 116 -13.03 1.67 10.71
N LEU E 117 -13.18 1.09 11.90
CA LEU E 117 -14.24 0.09 12.12
C LEU E 117 -15.62 0.69 11.85
N LEU E 118 -15.76 1.98 12.15
CA LEU E 118 -17.02 2.66 11.93
C LEU E 118 -17.18 3.07 10.45
N GLN E 119 -16.06 3.36 9.78
CA GLN E 119 -16.09 3.75 8.37
C GLN E 119 -16.57 2.54 7.55
N THR E 120 -16.35 1.35 8.09
CA THR E 120 -16.75 0.09 7.46
C THR E 120 -18.22 -0.19 7.71
N ALA E 121 -18.61 -0.15 8.98
CA ALA E 121 -20.00 -0.41 9.34
C ALA E 121 -20.90 0.61 8.65
N ALA E 122 -20.30 1.66 8.09
CA ALA E 122 -21.03 2.73 7.41
C ALA E 122 -21.25 2.42 5.92
N THR E 123 -20.27 1.79 5.29
CA THR E 123 -20.36 1.43 3.88
C THR E 123 -21.10 0.11 3.72
N ALA E 124 -22.25 -0.01 4.39
CA ALA E 124 -23.06 -1.23 4.32
C ALA E 124 -24.42 -0.99 4.98
#